data_3VLV
#
_entry.id   3VLV
#
_cell.length_a   58.369
_cell.length_b   67.517
_cell.length_c   61.558
_cell.angle_alpha   90.00
_cell.angle_beta   94.57
_cell.angle_gamma   90.00
#
_symmetry.space_group_name_H-M   'P 1 21 1'
#
loop_
_entity.id
_entity.type
_entity.pdbx_description
1 polymer AlgQ1
2 branched '4-deoxy-alpha-L-erythro-hex-4-enopyranuronic acid-(1-4)-alpha-L-gulopyranuronic acid-(1-4)-alpha-L-gulopyranuronic acid'
3 non-polymer 'CALCIUM ION'
4 water water
#
_entity_poly.entity_id   1
_entity_poly.type   'polypeptide(L)'
_entity_poly.pdbx_seq_one_letter_code
;REATWVTEKPLTLKIHMHFRDKWVWDENWPVAREVARLTNVKLVGVANRAATNSQEQFNLMMASGQLPDIVGGDNLKDKF
IRYGMEGAFIPLNKLIDQNAPNLKAFFKTHPEVQRAITAPDGNIYYLPYVPDGLVSRGYFIRQDWLDKLHLKTPQTVDEL
YTVLKAFKEKDPNGNGKADEIPFINRDPEEVFRLVNFWGARSTGSNTWMDFYVENGKIKHPFAEVAFKDGIKHVAQWYKE
GLIDPEIFTRKARSREQTFGNNIGGMTHDWFASTALFNDALSKNIPGFKLVPMAPPINSKGQRWEEDARQIPRPDGWAIT
ATNKNPVETIKLFDFYFGPKGRELSNFGVPGLTYDIKNGKPVYKDTVLKAAQPVNNQMYDIGAQIPIGFWQDYEYERQWT
NDVALQGIDMYIKNKYVLPQFTGVNLTVEEREIYDKYWPDVKTYMFEMGQSWVMGTKDPEKTWNDYQQQLKNRGFYQVMI
VMQKAYDRQYGGAAKPAQVGAK
;
_entity_poly.pdbx_strand_id   A
#
loop_
_chem_comp.id
_chem_comp.type
_chem_comp.name
_chem_comp.formula
CA non-polymer 'CALCIUM ION' 'Ca 2'
LGU L-saccharide, alpha linking 'alpha-L-gulopyranuronic acid' 'C6 H10 O7'
MAW L-saccharide, alpha linking '4-deoxy-alpha-L-erythro-hex-4-enopyranuronic acid' 'C6 H8 O6'
#
# COMPACT_ATOMS: atom_id res chain seq x y z
N ARG A 1 -28.34 25.44 -5.52
CA ARG A 1 -28.58 24.05 -5.99
C ARG A 1 -27.63 23.69 -7.14
N GLU A 2 -27.16 22.45 -7.14
CA GLU A 2 -26.36 21.92 -8.24
C GLU A 2 -26.99 20.64 -8.79
N ALA A 3 -26.70 20.34 -10.05
CA ALA A 3 -27.22 19.14 -10.71
C ALA A 3 -26.68 17.86 -10.08
N THR A 4 -25.55 17.97 -9.40
CA THR A 4 -24.88 16.84 -8.76
C THR A 4 -25.34 16.60 -7.31
N TRP A 5 -26.19 17.49 -6.80
CA TRP A 5 -26.77 17.35 -5.46
C TRP A 5 -27.49 16.02 -5.31
N VAL A 6 -27.14 15.29 -4.25
CA VAL A 6 -27.77 14.00 -3.97
C VAL A 6 -28.87 14.15 -2.91
N THR A 7 -29.00 15.38 -2.40
CA THR A 7 -30.05 15.74 -1.45
C THR A 7 -30.34 17.24 -1.55
N GLU A 8 -31.61 17.60 -1.45
CA GLU A 8 -32.03 19.01 -1.49
C GLU A 8 -31.69 19.71 -0.18
N LYS A 9 -32.04 19.07 0.93
CA LYS A 9 -31.70 19.55 2.27
C LYS A 9 -30.27 19.14 2.59
N PRO A 10 -29.42 20.10 3.02
CA PRO A 10 -28.03 19.80 3.36
C PRO A 10 -27.93 18.70 4.42
N LEU A 11 -26.99 17.77 4.23
CA LEU A 11 -26.82 16.63 5.13
C LEU A 11 -25.39 16.56 5.66
N THR A 12 -25.27 16.34 6.96
CA THR A 12 -23.98 16.12 7.61
C THR A 12 -23.91 14.71 8.19
N LEU A 13 -22.87 13.98 7.82
CA LEU A 13 -22.67 12.62 8.33
C LEU A 13 -21.31 12.48 9.02
N LYS A 14 -21.25 11.58 10.00
CA LYS A 14 -20.04 11.34 10.77
CA LYS A 14 -20.03 11.34 10.76
C LYS A 14 -19.23 10.19 10.16
N ILE A 15 -17.95 10.44 9.91
CA ILE A 15 -17.05 9.41 9.37
C ILE A 15 -15.89 9.14 10.31
N HIS A 16 -15.66 7.86 10.61
CA HIS A 16 -14.43 7.45 11.27
C HIS A 16 -13.46 6.93 10.22
N MET A 17 -12.43 7.73 9.95
CA MET A 17 -11.39 7.32 9.02
C MET A 17 -10.01 7.67 9.56
N HIS A 18 -9.36 6.66 10.13
CA HIS A 18 -7.97 6.78 10.54
C HIS A 18 -7.17 5.91 9.59
N PHE A 19 -6.17 6.48 8.94
CA PHE A 19 -5.48 5.75 7.89
C PHE A 19 -3.97 5.93 7.79
N ARG A 20 -3.34 4.85 7.32
CA ARG A 20 -1.90 4.80 7.02
CA ARG A 20 -1.91 4.82 7.01
C ARG A 20 -1.01 5.25 8.18
N ASP A 21 -1.56 5.10 9.39
CA ASP A 21 -0.85 5.34 10.66
C ASP A 21 -0.50 6.80 11.00
N LYS A 22 -1.03 7.76 10.24
CA LYS A 22 -0.77 9.18 10.50
CA LYS A 22 -0.77 9.19 10.50
C LYS A 22 -2.01 10.06 10.37
N TRP A 23 -2.79 9.85 9.31
CA TRP A 23 -3.88 10.76 8.95
C TRP A 23 -5.30 10.37 9.40
N VAL A 24 -6.16 11.38 9.48
CA VAL A 24 -7.60 11.20 9.67
C VAL A 24 -8.37 12.03 8.65
N TRP A 25 -9.65 11.72 8.45
CA TRP A 25 -10.51 12.52 7.56
C TRP A 25 -10.56 13.96 8.08
N ASP A 26 -10.37 14.91 7.17
CA ASP A 26 -10.39 16.32 7.52
C ASP A 26 -11.45 17.03 6.67
N GLU A 27 -12.51 17.48 7.35
CA GLU A 27 -13.61 18.21 6.70
CA GLU A 27 -13.61 18.20 6.70
C GLU A 27 -13.14 19.52 6.06
N ASN A 28 -11.99 20.02 6.52
CA ASN A 28 -11.40 21.25 5.98
C ASN A 28 -10.59 21.04 4.71
N TRP A 29 -10.34 19.77 4.36
CA TRP A 29 -9.65 19.43 3.11
C TRP A 29 -10.33 20.12 1.93
N PRO A 30 -9.53 20.75 1.04
CA PRO A 30 -10.09 21.33 -0.19
C PRO A 30 -10.93 20.34 -0.99
N VAL A 31 -10.48 19.10 -1.12
CA VAL A 31 -11.24 18.08 -1.85
C VAL A 31 -12.57 17.77 -1.15
N ALA A 32 -12.52 17.56 0.17
CA ALA A 32 -13.72 17.31 0.96
C ALA A 32 -14.74 18.44 0.80
N ARG A 33 -14.26 19.68 0.86
CA ARG A 33 -15.12 20.86 0.73
C ARG A 33 -15.76 20.97 -0.66
N GLU A 34 -15.00 20.60 -1.69
CA GLU A 34 -15.51 20.63 -3.07
C GLU A 34 -16.55 19.54 -3.33
N VAL A 35 -16.31 18.34 -2.80
CA VAL A 35 -17.27 17.24 -2.90
C VAL A 35 -18.56 17.60 -2.14
N ALA A 36 -18.41 18.19 -0.96
CA ALA A 36 -19.54 18.65 -0.16
C ALA A 36 -20.36 19.71 -0.89
N ARG A 37 -19.67 20.63 -1.58
CA ARG A 37 -20.32 21.67 -2.37
C ARG A 37 -21.17 21.06 -3.49
N LEU A 38 -20.60 20.09 -4.19
CA LEU A 38 -21.24 19.49 -5.36
C LEU A 38 -22.35 18.50 -5.02
N THR A 39 -22.22 17.81 -3.89
CA THR A 39 -23.19 16.76 -3.53
C THR A 39 -24.21 17.18 -2.48
N ASN A 40 -23.90 18.25 -1.74
CA ASN A 40 -24.72 18.74 -0.63
C ASN A 40 -24.66 17.82 0.60
N VAL A 41 -23.66 16.95 0.63
CA VAL A 41 -23.41 16.10 1.80
C VAL A 41 -22.02 16.38 2.35
N LYS A 42 -21.98 16.77 3.62
CA LYS A 42 -20.73 17.07 4.31
C LYS A 42 -20.35 15.93 5.24
N LEU A 43 -19.08 15.53 5.22
CA LEU A 43 -18.58 14.51 6.12
C LEU A 43 -17.68 15.12 7.20
N VAL A 44 -18.02 14.84 8.45
CA VAL A 44 -17.24 15.32 9.60
CA VAL A 44 -17.22 15.32 9.58
C VAL A 44 -16.49 14.16 10.25
N GLY A 45 -15.19 14.33 10.47
CA GLY A 45 -14.34 13.29 11.05
C GLY A 45 -14.46 13.16 12.55
N VAL A 46 -14.47 11.92 13.02
CA VAL A 46 -14.58 11.62 14.46
C VAL A 46 -13.40 10.80 15.00
N ALA A 47 -12.47 10.42 14.12
CA ALA A 47 -11.31 9.63 14.51
C ALA A 47 -10.27 10.47 15.27
N ASN A 48 -9.47 9.81 16.11
CA ASN A 48 -8.46 10.47 16.92
C ASN A 48 -7.20 10.78 16.11
N ARG A 49 -6.91 12.06 15.94
CA ARG A 49 -5.80 12.52 15.09
CA ARG A 49 -5.81 12.53 15.10
C ARG A 49 -4.41 12.31 15.71
N ALA A 50 -4.37 11.85 16.95
CA ALA A 50 -3.09 11.65 17.66
C ALA A 50 -2.50 10.24 17.52
N ALA A 51 -3.34 9.27 17.18
CA ALA A 51 -2.93 7.86 17.13
C ALA A 51 -2.00 7.53 15.95
N THR A 52 -1.13 6.55 16.17
CA THR A 52 -0.21 6.08 15.12
C THR A 52 -0.48 4.64 14.70
N ASN A 53 -1.62 4.11 15.14
CA ASN A 53 -2.06 2.76 14.76
CA ASN A 53 -2.07 2.77 14.76
C ASN A 53 -3.52 2.78 14.30
N SER A 54 -3.71 2.75 12.98
CA SER A 54 -5.03 2.84 12.36
C SER A 54 -5.93 1.64 12.67
N GLN A 55 -5.35 0.44 12.63
CA GLN A 55 -6.08 -0.80 12.91
C GLN A 55 -6.58 -0.86 14.34
N GLU A 56 -5.75 -0.41 15.27
CA GLU A 56 -6.11 -0.30 16.68
C GLU A 56 -7.29 0.64 16.87
N GLN A 57 -7.29 1.74 16.13
CA GLN A 57 -8.37 2.74 16.20
C GLN A 57 -9.71 2.22 15.70
N PHE A 58 -9.68 1.38 14.65
CA PHE A 58 -10.89 0.70 14.18
C PHE A 58 -11.42 -0.23 15.27
N ASN A 59 -10.52 -1.00 15.88
CA ASN A 59 -10.85 -1.94 16.94
C ASN A 59 -11.48 -1.26 18.16
N LEU A 60 -10.89 -0.13 18.57
CA LEU A 60 -11.42 0.66 19.68
C LEU A 60 -12.80 1.24 19.35
N MET A 61 -12.93 1.73 18.12
CA MET A 61 -14.19 2.28 17.62
CA MET A 61 -14.20 2.27 17.63
C MET A 61 -15.30 1.22 17.63
N MET A 62 -14.99 0.04 17.09
CA MET A 62 -15.95 -1.06 16.99
C MET A 62 -16.39 -1.58 18.36
N ALA A 63 -15.47 -1.58 19.32
CA ALA A 63 -15.75 -2.07 20.67
C ALA A 63 -16.31 -0.98 21.60
N SER A 64 -16.45 0.24 21.07
CA SER A 64 -16.86 1.40 21.88
C SER A 64 -18.37 1.59 22.03
N GLY A 65 -19.15 0.61 21.59
CA GLY A 65 -20.61 0.66 21.69
C GLY A 65 -21.25 1.79 20.89
N GLN A 66 -20.43 2.55 20.18
CA GLN A 66 -20.89 3.61 19.29
C GLN A 66 -20.32 3.42 17.88
N LEU A 67 -21.15 3.70 16.88
CA LEU A 67 -20.73 3.64 15.49
C LEU A 67 -21.07 4.95 14.79
N PRO A 68 -20.14 5.44 13.93
CA PRO A 68 -20.44 6.59 13.08
C PRO A 68 -21.35 6.21 11.92
N ASP A 69 -21.51 7.11 10.95
CA ASP A 69 -22.32 6.82 9.77
C ASP A 69 -21.53 6.07 8.69
N ILE A 70 -20.24 6.41 8.59
CA ILE A 70 -19.34 5.83 7.60
C ILE A 70 -18.03 5.46 8.27
N VAL A 71 -17.44 4.34 7.85
CA VAL A 71 -16.10 3.96 8.28
C VAL A 71 -15.23 3.77 7.05
N GLY A 72 -14.08 4.45 7.04
CA GLY A 72 -13.14 4.36 5.94
C GLY A 72 -11.72 4.10 6.40
N GLY A 73 -10.87 3.69 5.47
CA GLY A 73 -9.45 3.51 5.78
C GLY A 73 -8.77 2.38 5.04
N ASP A 74 -7.47 2.27 5.26
CA ASP A 74 -6.63 1.25 4.63
CA ASP A 74 -6.64 1.26 4.64
C ASP A 74 -6.67 -0.06 5.40
N ASN A 75 -6.44 -1.16 4.67
CA ASN A 75 -6.37 -2.51 5.23
CA ASN A 75 -6.34 -2.50 5.26
C ASN A 75 -7.56 -2.89 6.11
N LEU A 76 -8.75 -2.53 5.63
CA LEU A 76 -9.99 -2.79 6.36
C LEU A 76 -10.94 -3.79 5.68
N LYS A 77 -10.53 -4.31 4.51
CA LYS A 77 -11.34 -5.27 3.78
C LYS A 77 -11.88 -6.40 4.67
N ASP A 78 -10.97 -7.06 5.37
CA ASP A 78 -11.31 -8.22 6.20
C ASP A 78 -12.28 -7.85 7.33
N LYS A 79 -12.09 -6.66 7.89
CA LYS A 79 -12.98 -6.16 8.94
C LYS A 79 -14.34 -5.72 8.39
N PHE A 80 -14.34 -5.11 7.20
CA PHE A 80 -15.59 -4.76 6.53
C PHE A 80 -16.45 -6.00 6.26
N ILE A 81 -15.81 -7.08 5.79
CA ILE A 81 -16.49 -8.34 5.50
C ILE A 81 -16.99 -9.02 6.78
N ARG A 82 -16.12 -9.13 7.78
CA ARG A 82 -16.47 -9.78 9.05
C ARG A 82 -17.64 -9.08 9.74
N TYR A 83 -17.51 -7.78 9.94
CA TYR A 83 -18.53 -7.01 10.66
C TYR A 83 -19.76 -6.71 9.81
N GLY A 84 -19.60 -6.81 8.49
CA GLY A 84 -20.72 -6.74 7.56
C GLY A 84 -21.65 -7.93 7.74
N MET A 85 -21.08 -9.12 7.78
CA MET A 85 -21.84 -10.35 7.98
C MET A 85 -22.44 -10.44 9.39
N GLU A 86 -21.81 -9.75 10.34
CA GLU A 86 -22.34 -9.66 11.70
C GLU A 86 -23.46 -8.63 11.81
N GLY A 87 -23.53 -7.72 10.85
CA GLY A 87 -24.61 -6.73 10.79
C GLY A 87 -24.23 -5.30 11.17
N ALA A 88 -22.95 -5.08 11.47
CA ALA A 88 -22.46 -3.75 11.83
C ALA A 88 -22.36 -2.83 10.61
N PHE A 89 -21.98 -3.42 9.47
CA PHE A 89 -22.02 -2.74 8.19
C PHE A 89 -23.14 -3.33 7.33
N ILE A 90 -23.83 -2.47 6.59
CA ILE A 90 -24.96 -2.89 5.77
C ILE A 90 -24.51 -3.36 4.38
N PRO A 91 -25.25 -4.30 3.77
CA PRO A 91 -24.97 -4.69 2.38
C PRO A 91 -25.31 -3.55 1.42
N LEU A 92 -24.56 -3.44 0.34
CA LEU A 92 -24.72 -2.33 -0.60
C LEU A 92 -25.32 -2.75 -1.95
N ASN A 93 -25.54 -4.05 -2.14
CA ASN A 93 -26.02 -4.59 -3.41
C ASN A 93 -27.26 -3.88 -3.96
N LYS A 94 -28.33 -3.86 -3.16
CA LYS A 94 -29.59 -3.25 -3.57
CA LYS A 94 -29.59 -3.24 -3.54
C LYS A 94 -29.47 -1.73 -3.69
N LEU A 95 -28.72 -1.12 -2.77
CA LEU A 95 -28.50 0.33 -2.79
C LEU A 95 -27.78 0.79 -4.05
N ILE A 96 -26.78 0.02 -4.49
CA ILE A 96 -26.06 0.30 -5.73
C ILE A 96 -26.97 0.10 -6.94
N ASP A 97 -27.68 -1.02 -6.98
CA ASP A 97 -28.60 -1.36 -8.07
CA ASP A 97 -28.58 -1.34 -8.09
C ASP A 97 -29.63 -0.26 -8.32
N GLN A 98 -30.16 0.31 -7.23
CA GLN A 98 -31.25 1.28 -7.32
C GLN A 98 -30.81 2.75 -7.37
N ASN A 99 -29.66 3.06 -6.80
CA ASN A 99 -29.26 4.46 -6.60
C ASN A 99 -27.88 4.87 -7.12
N ALA A 100 -27.10 3.90 -7.60
CA ALA A 100 -25.70 4.15 -7.96
C ALA A 100 -25.33 3.69 -9.38
N PRO A 101 -25.73 4.47 -10.41
CA PRO A 101 -25.48 4.08 -11.81
C PRO A 101 -24.00 3.99 -12.19
N ASN A 102 -23.16 4.86 -11.64
CA ASN A 102 -21.72 4.84 -11.94
C ASN A 102 -21.04 3.58 -11.42
N LEU A 103 -21.36 3.20 -10.19
CA LEU A 103 -20.83 1.99 -9.56
C LEU A 103 -21.36 0.72 -10.21
N LYS A 104 -22.66 0.70 -10.49
CA LYS A 104 -23.30 -0.44 -11.14
C LYS A 104 -22.65 -0.76 -12.48
N ALA A 105 -22.36 0.29 -13.26
CA ALA A 105 -21.69 0.16 -14.55
C ALA A 105 -20.22 -0.24 -14.37
N PHE A 106 -19.58 0.28 -13.33
CA PHE A 106 -18.19 -0.04 -13.02
C PHE A 106 -18.02 -1.53 -12.70
N PHE A 107 -18.90 -2.06 -11.85
CA PHE A 107 -18.82 -3.47 -11.42
C PHE A 107 -19.13 -4.45 -12.55
N LYS A 108 -20.02 -4.06 -13.45
CA LYS A 108 -20.35 -4.87 -14.64
C LYS A 108 -19.16 -4.97 -15.60
N THR A 109 -18.37 -3.91 -15.66
CA THR A 109 -17.19 -3.86 -16.53
C THR A 109 -15.90 -4.29 -15.81
N HIS A 110 -15.98 -4.43 -14.49
CA HIS A 110 -14.84 -4.91 -13.69
C HIS A 110 -15.26 -6.07 -12.77
N PRO A 111 -15.49 -7.27 -13.36
CA PRO A 111 -15.93 -8.42 -12.56
C PRO A 111 -14.91 -8.90 -11.54
N GLU A 112 -13.62 -8.70 -11.83
CA GLU A 112 -12.55 -9.08 -10.91
C GLU A 112 -12.58 -8.23 -9.64
N VAL A 113 -12.89 -6.94 -9.79
CA VAL A 113 -13.00 -6.03 -8.66
C VAL A 113 -14.23 -6.38 -7.81
N GLN A 114 -15.35 -6.68 -8.47
CA GLN A 114 -16.57 -7.09 -7.78
C GLN A 114 -16.35 -8.38 -6.98
N ARG A 115 -15.67 -9.35 -7.59
CA ARG A 115 -15.34 -10.62 -6.95
C ARG A 115 -14.46 -10.42 -5.71
N ALA A 116 -13.45 -9.56 -5.84
CA ALA A 116 -12.47 -9.33 -4.78
C ALA A 116 -13.07 -8.69 -3.52
N ILE A 117 -14.15 -7.95 -3.68
CA ILE A 117 -14.77 -7.23 -2.55
C ILE A 117 -16.02 -7.92 -1.98
N THR A 118 -16.56 -8.90 -2.71
CA THR A 118 -17.78 -9.59 -2.32
C THR A 118 -17.53 -10.60 -1.21
N ALA A 119 -18.36 -10.53 -0.17
CA ALA A 119 -18.31 -11.45 0.96
C ALA A 119 -18.87 -12.82 0.58
N PRO A 120 -18.53 -13.88 1.36
CA PRO A 120 -19.02 -15.22 1.05
C PRO A 120 -20.54 -15.39 1.06
N ASP A 121 -21.26 -14.44 1.67
CA ASP A 121 -22.71 -14.46 1.67
C ASP A 121 -23.32 -13.77 0.44
N GLY A 122 -22.44 -13.29 -0.44
CA GLY A 122 -22.86 -12.62 -1.68
C GLY A 122 -22.99 -11.11 -1.59
N ASN A 123 -22.80 -10.57 -0.38
CA ASN A 123 -22.99 -9.15 -0.14
C ASN A 123 -21.73 -8.31 -0.31
N ILE A 124 -21.92 -7.11 -0.87
CA ILE A 124 -20.87 -6.10 -0.94
C ILE A 124 -21.01 -5.20 0.28
N TYR A 125 -20.01 -5.21 1.15
CA TYR A 125 -20.07 -4.45 2.41
C TYR A 125 -19.23 -3.17 2.41
N TYR A 126 -18.47 -2.96 1.34
CA TYR A 126 -17.63 -1.77 1.22
C TYR A 126 -17.33 -1.46 -0.24
N LEU A 127 -16.92 -0.22 -0.50
CA LEU A 127 -16.43 0.18 -1.82
C LEU A 127 -14.93 0.37 -1.73
N PRO A 128 -14.18 -0.21 -2.69
CA PRO A 128 -12.73 -0.26 -2.57
C PRO A 128 -11.98 0.92 -3.17
N TYR A 129 -10.76 1.13 -2.69
CA TYR A 129 -9.75 1.90 -3.38
C TYR A 129 -9.32 1.04 -4.57
N VAL A 130 -9.58 1.56 -5.78
CA VAL A 130 -9.24 0.88 -7.02
C VAL A 130 -8.05 1.58 -7.67
N PRO A 131 -6.84 1.04 -7.48
CA PRO A 131 -5.65 1.63 -8.10
C PRO A 131 -5.66 1.52 -9.62
N ASP A 132 -4.79 2.30 -10.26
CA ASP A 132 -4.67 2.29 -11.72
C ASP A 132 -3.21 2.26 -12.09
N GLY A 133 -2.84 1.31 -12.94
CA GLY A 133 -1.46 1.11 -13.37
C GLY A 133 -1.10 -0.36 -13.36
N LEU A 134 0.17 -0.65 -13.66
CA LEU A 134 0.63 -2.03 -13.80
C LEU A 134 1.74 -2.37 -12.80
N VAL A 135 2.90 -1.75 -12.97
CA VAL A 135 4.01 -1.94 -12.04
C VAL A 135 3.84 -0.99 -10.86
N SER A 136 4.54 -1.29 -9.77
CA SER A 136 4.51 -0.44 -8.59
C SER A 136 5.93 -0.07 -8.17
N ARG A 137 6.60 -1.02 -7.52
CA ARG A 137 7.94 -0.79 -7.00
C ARG A 137 9.03 -1.39 -7.88
N GLY A 138 10.22 -0.80 -7.77
CA GLY A 138 11.42 -1.33 -8.40
C GLY A 138 12.63 -0.96 -7.57
N TYR A 139 13.76 -1.61 -7.86
CA TYR A 139 15.01 -1.31 -7.17
C TYR A 139 15.63 -0.04 -7.75
N PHE A 140 16.12 0.81 -6.86
CA PHE A 140 16.81 2.04 -7.23
C PHE A 140 18.16 2.06 -6.56
N ILE A 141 19.20 2.39 -7.32
CA ILE A 141 20.56 2.46 -6.78
C ILE A 141 21.24 3.76 -7.16
N ARG A 142 22.16 4.22 -6.33
CA ARG A 142 22.91 5.45 -6.59
C ARG A 142 23.97 5.22 -7.67
N GLN A 143 23.61 5.57 -8.91
CA GLN A 143 24.51 5.44 -10.05
C GLN A 143 25.77 6.29 -9.87
N ASP A 144 25.60 7.49 -9.31
CA ASP A 144 26.74 8.38 -9.07
C ASP A 144 27.75 7.80 -8.09
N TRP A 145 27.25 7.03 -7.11
CA TRP A 145 28.12 6.34 -6.16
C TRP A 145 28.82 5.13 -6.79
N LEU A 146 28.10 4.39 -7.63
CA LEU A 146 28.70 3.32 -8.42
C LEU A 146 29.84 3.86 -9.29
N ASP A 147 29.58 4.98 -9.95
CA ASP A 147 30.55 5.61 -10.84
C ASP A 147 31.76 6.16 -10.10
N LYS A 148 31.53 6.79 -8.94
CA LYS A 148 32.60 7.36 -8.12
C LYS A 148 33.53 6.28 -7.56
N LEU A 149 32.95 5.13 -7.22
CA LEU A 149 33.71 4.02 -6.66
C LEU A 149 34.19 3.04 -7.75
N HIS A 150 33.91 3.39 -9.00
CA HIS A 150 34.30 2.61 -10.19
C HIS A 150 33.76 1.19 -10.15
N LEU A 151 32.49 1.07 -9.78
CA LEU A 151 31.81 -0.21 -9.69
C LEU A 151 30.75 -0.35 -10.78
N LYS A 152 30.65 -1.56 -11.32
CA LYS A 152 29.63 -1.89 -12.31
C LYS A 152 28.29 -2.12 -11.60
N THR A 153 27.19 -2.00 -12.35
CA THR A 153 25.86 -2.30 -11.84
C THR A 153 25.81 -3.77 -11.39
N PRO A 154 25.49 -4.01 -10.10
CA PRO A 154 25.48 -5.38 -9.58
C PRO A 154 24.41 -6.25 -10.25
N GLN A 155 24.84 -7.39 -10.78
CA GLN A 155 23.98 -8.26 -11.55
C GLN A 155 23.46 -9.45 -10.72
N THR A 156 24.20 -9.77 -9.66
CA THR A 156 23.84 -10.86 -8.77
C THR A 156 23.81 -10.35 -7.34
N VAL A 157 23.26 -11.16 -6.43
CA VAL A 157 23.19 -10.82 -5.01
C VAL A 157 24.60 -10.68 -4.40
N ASP A 158 25.51 -11.56 -4.81
CA ASP A 158 26.91 -11.50 -4.36
C ASP A 158 27.59 -10.20 -4.79
N GLU A 159 27.33 -9.79 -6.03
CA GLU A 159 27.84 -8.52 -6.55
C GLU A 159 27.24 -7.34 -5.80
N LEU A 160 25.96 -7.45 -5.46
CA LEU A 160 25.26 -6.40 -4.70
C LEU A 160 25.84 -6.25 -3.29
N TYR A 161 26.16 -7.37 -2.65
CA TYR A 161 26.80 -7.36 -1.34
C TYR A 161 28.08 -6.51 -1.37
N THR A 162 28.93 -6.78 -2.37
CA THR A 162 30.19 -6.04 -2.53
C THR A 162 29.94 -4.54 -2.71
N VAL A 163 28.93 -4.21 -3.53
CA VAL A 163 28.56 -2.83 -3.81
C VAL A 163 28.07 -2.11 -2.54
N LEU A 164 27.17 -2.76 -1.80
CA LEU A 164 26.63 -2.16 -0.58
C LEU A 164 27.69 -2.03 0.52
N LYS A 165 28.57 -3.02 0.60
CA LYS A 165 29.71 -2.96 1.53
C LYS A 165 30.62 -1.77 1.18
N ALA A 166 30.85 -1.56 -0.11
CA ALA A 166 31.65 -0.43 -0.59
C ALA A 166 30.97 0.91 -0.29
N PHE A 167 29.64 0.97 -0.44
CA PHE A 167 28.87 2.16 -0.05
C PHE A 167 29.09 2.48 1.43
N LYS A 168 29.08 1.44 2.26
CA LYS A 168 29.23 1.60 3.70
C LYS A 168 30.65 2.03 4.09
N GLU A 169 31.65 1.46 3.43
CA GLU A 169 33.04 1.56 3.89
C GLU A 169 33.92 2.56 3.15
N LYS A 170 33.57 2.87 1.91
CA LYS A 170 34.47 3.64 1.04
C LYS A 170 34.08 5.10 0.83
N ASP A 171 33.27 5.63 1.75
CA ASP A 171 32.97 7.07 1.83
C ASP A 171 32.58 7.72 0.49
N PRO A 172 31.52 7.20 -0.17
CA PRO A 172 31.14 7.78 -1.47
C PRO A 172 30.62 9.21 -1.42
N ASN A 173 30.13 9.67 -0.27
CA ASN A 173 29.74 11.08 -0.15
C ASN A 173 30.91 12.02 0.17
N GLY A 174 32.07 11.42 0.44
CA GLY A 174 33.35 12.14 0.52
C GLY A 174 33.53 13.09 1.70
N ASN A 175 32.85 12.81 2.80
CA ASN A 175 32.96 13.66 3.99
C ASN A 175 33.91 13.14 5.07
N GLY A 176 34.58 12.02 4.77
CA GLY A 176 35.54 11.41 5.70
C GLY A 176 34.88 10.67 6.85
N LYS A 177 33.56 10.52 6.79
CA LYS A 177 32.81 9.85 7.84
C LYS A 177 32.11 8.60 7.32
N ALA A 178 32.01 7.59 8.18
CA ALA A 178 31.26 6.38 7.87
C ALA A 178 29.80 6.61 8.24
N ASP A 179 29.13 7.45 7.46
CA ASP A 179 27.75 7.85 7.71
C ASP A 179 26.77 7.26 6.70
N GLU A 180 27.30 6.64 5.66
CA GLU A 180 26.48 6.07 4.59
C GLU A 180 25.67 4.87 5.07
N ILE A 181 24.41 4.84 4.64
CA ILE A 181 23.52 3.72 4.90
C ILE A 181 23.13 3.12 3.54
N PRO A 182 23.70 1.96 3.20
CA PRO A 182 23.55 1.41 1.85
C PRO A 182 22.11 1.18 1.40
N PHE A 183 21.32 0.43 2.17
CA PHE A 183 19.93 0.16 1.82
C PHE A 183 18.96 0.82 2.80
N ILE A 184 18.09 1.66 2.27
CA ILE A 184 17.06 2.34 3.06
C ILE A 184 15.67 2.01 2.51
N ASN A 185 14.64 2.21 3.32
CA ASN A 185 13.26 2.07 2.87
C ASN A 185 12.26 2.72 3.80
N ARG A 186 11.31 3.45 3.23
CA ARG A 186 10.25 4.07 4.01
C ARG A 186 9.23 3.05 4.53
N ASP A 187 9.24 1.86 3.93
CA ASP A 187 8.36 0.78 4.37
C ASP A 187 9.15 -0.33 5.06
N PRO A 188 8.95 -0.49 6.38
CA PRO A 188 9.65 -1.55 7.14
C PRO A 188 9.47 -2.94 6.53
N GLU A 189 8.28 -3.21 5.99
CA GLU A 189 7.96 -4.51 5.41
C GLU A 189 8.87 -4.88 4.24
N GLU A 190 9.50 -3.88 3.64
CA GLU A 190 10.44 -4.11 2.54
C GLU A 190 11.72 -4.83 2.96
N VAL A 191 12.05 -4.78 4.25
CA VAL A 191 13.21 -5.52 4.75
C VAL A 191 12.98 -7.04 4.66
N PHE A 192 11.71 -7.45 4.78
CA PHE A 192 11.35 -8.85 4.61
C PHE A 192 11.42 -9.27 3.15
N ARG A 193 11.14 -8.33 2.24
CA ARG A 193 11.21 -8.60 0.80
C ARG A 193 12.62 -8.90 0.32
N LEU A 194 13.62 -8.54 1.12
CA LEU A 194 15.01 -8.83 0.78
C LEU A 194 15.31 -10.34 0.77
N VAL A 195 14.44 -11.15 1.37
CA VAL A 195 14.57 -12.61 1.29
C VAL A 195 14.41 -13.10 -0.15
N ASN A 196 13.82 -12.28 -1.01
CA ASN A 196 13.77 -12.54 -2.45
C ASN A 196 15.16 -12.82 -3.03
N PHE A 197 16.16 -12.14 -2.48
CA PHE A 197 17.55 -12.30 -2.93
C PHE A 197 18.05 -13.72 -2.68
N TRP A 198 17.43 -14.41 -1.72
CA TRP A 198 17.82 -15.78 -1.42
C TRP A 198 16.69 -16.79 -1.70
N GLY A 199 15.88 -16.47 -2.71
CA GLY A 199 14.91 -17.40 -3.27
C GLY A 199 13.68 -17.65 -2.43
N ALA A 200 13.42 -16.78 -1.45
CA ALA A 200 12.24 -16.89 -0.61
C ALA A 200 11.27 -15.75 -0.90
N ARG A 201 9.97 -16.04 -0.76
CA ARG A 201 8.94 -15.02 -0.91
C ARG A 201 8.71 -14.27 0.39
N SER A 202 8.19 -13.04 0.29
CA SER A 202 7.76 -12.28 1.47
C SER A 202 6.27 -11.97 1.44
N THR A 203 5.70 -11.97 0.24
CA THR A 203 4.25 -11.76 0.04
C THR A 203 3.83 -12.15 -1.37
N GLY A 204 2.57 -12.57 -1.51
CA GLY A 204 2.03 -12.96 -2.82
C GLY A 204 1.43 -11.82 -3.63
N SER A 205 1.26 -10.65 -3.00
CA SER A 205 0.67 -9.49 -3.66
C SER A 205 1.12 -8.18 -3.03
N ASN A 206 0.53 -7.07 -3.50
CA ASN A 206 0.77 -5.74 -2.93
C ASN A 206 0.31 -5.63 -1.48
N THR A 207 -0.62 -6.49 -1.09
CA THR A 207 -1.01 -6.61 0.31
C THR A 207 0.14 -7.23 1.08
N TRP A 208 0.61 -6.54 2.13
CA TRP A 208 1.71 -7.05 2.94
C TRP A 208 1.39 -8.42 3.51
N MET A 209 2.40 -9.29 3.51
CA MET A 209 2.32 -10.62 4.12
C MET A 209 1.12 -11.43 3.61
N ASP A 210 0.91 -11.39 2.30
CA ASP A 210 -0.15 -12.13 1.66
C ASP A 210 0.35 -13.52 1.29
N PHE A 211 -0.60 -14.46 1.16
CA PHE A 211 -0.32 -15.82 0.73
C PHE A 211 0.11 -15.84 -0.75
N TYR A 212 0.71 -16.94 -1.18
CA TYR A 212 1.00 -17.16 -2.59
C TYR A 212 0.73 -18.62 -2.97
N VAL A 213 0.73 -18.88 -4.28
CA VAL A 213 0.50 -20.23 -4.79
C VAL A 213 1.74 -20.73 -5.52
N GLU A 214 2.16 -21.94 -5.18
CA GLU A 214 3.22 -22.64 -5.91
C GLU A 214 2.80 -24.08 -6.17
N ASN A 215 2.77 -24.44 -7.45
CA ASN A 215 2.37 -25.78 -7.92
CA ASN A 215 2.38 -25.78 -7.90
C ASN A 215 1.04 -26.24 -7.33
N GLY A 216 0.04 -25.35 -7.39
CA GLY A 216 -1.30 -25.64 -6.90
C GLY A 216 -1.45 -25.72 -5.39
N LYS A 217 -0.45 -25.24 -4.67
CA LYS A 217 -0.48 -25.27 -3.20
C LYS A 217 -0.38 -23.87 -2.60
N ILE A 218 -1.32 -23.54 -1.71
CA ILE A 218 -1.29 -22.30 -0.95
C ILE A 218 -0.14 -22.35 0.03
N LYS A 219 0.66 -21.29 0.06
CA LYS A 219 1.75 -21.17 1.01
C LYS A 219 1.73 -19.78 1.62
N HIS A 220 2.18 -19.68 2.87
CA HIS A 220 2.49 -18.36 3.40
C HIS A 220 3.99 -18.18 3.51
N PRO A 221 4.51 -17.05 3.00
CA PRO A 221 5.94 -16.77 2.98
C PRO A 221 6.63 -16.93 4.34
N PHE A 222 6.01 -16.44 5.41
CA PHE A 222 6.64 -16.43 6.73
C PHE A 222 6.69 -17.80 7.41
N ALA A 223 5.96 -18.78 6.88
CA ALA A 223 5.92 -20.12 7.46
C ALA A 223 6.87 -21.10 6.78
N GLU A 224 7.42 -20.68 5.64
CA GLU A 224 8.26 -21.54 4.80
C GLU A 224 9.69 -21.66 5.31
N VAL A 225 10.28 -22.85 5.14
CA VAL A 225 11.68 -23.09 5.50
C VAL A 225 12.62 -22.16 4.71
N ALA A 226 12.22 -21.85 3.48
CA ALA A 226 12.97 -20.91 2.64
C ALA A 226 13.08 -19.53 3.31
N PHE A 227 12.05 -19.15 4.06
CA PHE A 227 12.06 -17.90 4.80
C PHE A 227 13.05 -17.96 5.97
N LYS A 228 13.06 -19.08 6.68
CA LYS A 228 14.03 -19.31 7.76
C LYS A 228 15.46 -19.08 7.27
N ASP A 229 15.80 -19.72 6.15
CA ASP A 229 17.15 -19.62 5.59
C ASP A 229 17.41 -18.24 4.98
N GLY A 230 16.40 -17.67 4.34
CA GLY A 230 16.52 -16.36 3.71
C GLY A 230 16.68 -15.23 4.71
N ILE A 231 15.93 -15.30 5.81
CA ILE A 231 15.97 -14.25 6.83
C ILE A 231 17.29 -14.23 7.60
N LYS A 232 17.99 -15.36 7.62
CA LYS A 232 19.34 -15.43 8.19
C LYS A 232 20.29 -14.51 7.43
N HIS A 233 20.17 -14.51 6.10
CA HIS A 233 20.98 -13.65 5.25
C HIS A 233 20.63 -12.18 5.43
N VAL A 234 19.33 -11.89 5.54
CA VAL A 234 18.86 -10.53 5.79
C VAL A 234 19.38 -10.04 7.13
N ALA A 235 19.34 -10.92 8.14
CA ALA A 235 19.90 -10.62 9.46
C ALA A 235 21.38 -10.30 9.41
N GLN A 236 22.11 -11.03 8.55
CA GLN A 236 23.55 -10.81 8.38
C GLN A 236 23.84 -9.45 7.75
N TRP A 237 23.05 -9.06 6.76
CA TRP A 237 23.17 -7.76 6.12
C TRP A 237 22.82 -6.63 7.09
N TYR A 238 21.82 -6.87 7.94
CA TYR A 238 21.48 -5.93 9.00
C TYR A 238 22.62 -5.81 10.02
N LYS A 239 23.17 -6.96 10.42
CA LYS A 239 24.29 -7.01 11.36
CA LYS A 239 24.30 -7.03 11.35
C LYS A 239 25.47 -6.19 10.85
N GLU A 240 25.78 -6.33 9.57
CA GLU A 240 26.90 -5.62 8.95
C GLU A 240 26.58 -4.17 8.59
N GLY A 241 25.35 -3.74 8.88
CA GLY A 241 24.95 -2.35 8.68
C GLY A 241 24.70 -1.96 7.24
N LEU A 242 24.48 -2.96 6.38
CA LEU A 242 24.15 -2.73 4.98
C LEU A 242 22.69 -2.32 4.85
N ILE A 243 21.87 -2.85 5.74
CA ILE A 243 20.47 -2.42 5.88
C ILE A 243 20.39 -1.37 6.98
N ASP A 244 19.67 -0.28 6.68
CA ASP A 244 19.37 0.76 7.66
C ASP A 244 19.07 0.19 9.05
N PRO A 245 19.88 0.56 10.07
CA PRO A 245 19.59 0.09 11.42
C PRO A 245 18.20 0.52 11.91
N GLU A 246 17.70 1.62 11.35
CA GLU A 246 16.40 2.17 11.72
C GLU A 246 15.28 1.74 10.76
N ILE A 247 15.47 0.64 10.05
CA ILE A 247 14.51 0.19 9.02
C ILE A 247 13.07 -0.03 9.55
N PHE A 248 12.95 -0.41 10.82
CA PHE A 248 11.63 -0.64 11.43
C PHE A 248 11.01 0.61 12.04
N THR A 249 11.82 1.66 12.20
CA THR A 249 11.38 2.85 12.92
CA THR A 249 11.40 2.86 12.94
C THR A 249 11.34 4.13 12.09
N ARG A 250 12.24 4.25 11.11
CA ARG A 250 12.37 5.48 10.31
C ARG A 250 11.08 5.83 9.56
N LYS A 251 10.61 4.90 8.73
CA LYS A 251 9.30 5.00 8.07
C LYS A 251 9.16 6.15 7.06
N ALA A 252 8.04 6.89 7.13
CA ALA A 252 7.57 7.76 6.04
C ALA A 252 8.59 8.62 5.31
N ARG A 253 9.44 9.32 6.06
CA ARG A 253 10.34 10.29 5.47
C ARG A 253 11.77 9.77 5.30
N SER A 254 11.91 8.45 5.19
CA SER A 254 13.22 7.81 5.02
C SER A 254 14.02 8.36 3.85
N ARG A 255 13.34 8.58 2.72
CA ARG A 255 13.99 9.07 1.51
C ARG A 255 14.44 10.53 1.65
N GLU A 256 13.55 11.37 2.17
CA GLU A 256 13.89 12.78 2.43
C GLU A 256 15.11 12.89 3.34
N GLN A 257 15.15 12.04 4.36
CA GLN A 257 16.26 12.04 5.32
C GLN A 257 17.55 11.53 4.72
N THR A 258 17.52 10.31 4.19
CA THR A 258 18.73 9.61 3.79
C THR A 258 19.26 10.04 2.41
N PHE A 259 18.37 10.30 1.47
CA PHE A 259 18.81 10.87 0.19
C PHE A 259 19.12 12.35 0.34
N GLY A 260 18.28 13.07 1.08
CA GLY A 260 18.50 14.50 1.34
C GLY A 260 19.83 14.83 1.99
N ASN A 261 20.26 13.99 2.93
CA ASN A 261 21.53 14.16 3.62
C ASN A 261 22.68 13.41 2.93
N ASN A 262 22.38 12.82 1.78
CA ASN A 262 23.37 12.11 0.94
C ASN A 262 24.04 10.93 1.64
N ILE A 263 23.23 10.13 2.33
CA ILE A 263 23.73 8.94 3.01
C ILE A 263 23.10 7.63 2.51
N GLY A 264 21.96 7.74 1.84
CA GLY A 264 21.25 6.57 1.32
C GLY A 264 21.76 6.12 -0.04
N GLY A 265 22.03 4.82 -0.17
CA GLY A 265 22.62 4.28 -1.41
C GLY A 265 21.70 3.50 -2.31
N MET A 266 20.61 2.97 -1.75
CA MET A 266 19.71 2.08 -2.47
C MET A 266 18.35 1.97 -1.79
N THR A 267 17.30 1.74 -2.59
CA THR A 267 15.99 1.45 -2.03
C THR A 267 15.18 0.53 -2.96
N HIS A 268 13.98 0.15 -2.51
CA HIS A 268 13.01 -0.56 -3.32
C HIS A 268 11.67 0.12 -3.06
N ASP A 269 11.22 0.91 -4.02
CA ASP A 269 10.10 1.82 -3.82
C ASP A 269 9.46 2.15 -5.17
N TRP A 270 8.35 2.86 -5.14
CA TRP A 270 7.57 3.20 -6.32
C TRP A 270 8.36 4.09 -7.29
N PHE A 271 8.23 3.81 -8.57
CA PHE A 271 9.04 4.46 -9.60
C PHE A 271 8.91 5.98 -9.64
N ALA A 272 7.68 6.49 -9.66
CA ALA A 272 7.45 7.92 -9.84
C ALA A 272 8.04 8.79 -8.72
N SER A 273 7.62 8.54 -7.47
CA SER A 273 8.07 9.38 -6.36
C SER A 273 9.56 9.22 -6.05
N THR A 274 10.09 8.01 -6.20
CA THR A 274 11.49 7.74 -5.92
C THR A 274 12.43 8.45 -6.91
N ALA A 275 12.10 8.36 -8.21
CA ALA A 275 12.90 9.00 -9.25
C ALA A 275 12.86 10.53 -9.15
N LEU A 276 11.79 11.05 -8.56
CA LEU A 276 11.61 12.50 -8.42
C LEU A 276 12.68 13.14 -7.52
N PHE A 277 13.30 12.32 -6.67
CA PHE A 277 14.38 12.82 -5.80
C PHE A 277 15.61 13.28 -6.56
N ASN A 278 15.81 12.74 -7.77
CA ASN A 278 16.86 13.22 -8.67
C ASN A 278 16.69 14.69 -9.03
N ASP A 279 15.43 15.10 -9.21
CA ASP A 279 15.10 16.47 -9.57
C ASP A 279 15.12 17.39 -8.34
N ALA A 280 14.53 16.92 -7.24
CA ALA A 280 14.46 17.68 -5.99
C ALA A 280 15.84 17.99 -5.42
N LEU A 281 16.77 17.06 -5.55
CA LEU A 281 18.11 17.19 -4.96
C LEU A 281 19.19 17.55 -5.97
N SER A 282 18.78 17.94 -7.18
CA SER A 282 19.70 18.21 -8.29
C SER A 282 20.77 19.25 -8.01
N LYS A 283 20.41 20.26 -7.21
CA LYS A 283 21.34 21.34 -6.85
C LYS A 283 21.99 21.11 -5.48
N ASN A 284 21.22 20.56 -4.54
CA ASN A 284 21.72 20.26 -3.20
C ASN A 284 22.86 19.24 -3.20
N ILE A 285 22.72 18.24 -4.07
CA ILE A 285 23.75 17.20 -4.22
C ILE A 285 24.07 17.08 -5.71
N PRO A 286 25.05 17.85 -6.20
CA PRO A 286 25.41 17.80 -7.61
C PRO A 286 25.81 16.38 -8.02
N GLY A 287 25.11 15.85 -9.03
CA GLY A 287 25.42 14.52 -9.54
C GLY A 287 24.56 13.41 -8.97
N PHE A 288 23.73 13.71 -7.98
CA PHE A 288 22.80 12.73 -7.41
C PHE A 288 22.03 12.05 -8.53
N LYS A 289 22.23 10.74 -8.66
CA LYS A 289 21.57 9.97 -9.71
CA LYS A 289 21.57 9.97 -9.71
C LYS A 289 21.11 8.61 -9.18
N LEU A 290 19.84 8.57 -8.78
CA LEU A 290 19.21 7.36 -8.27
C LEU A 290 18.45 6.74 -9.45
N VAL A 291 18.95 5.59 -9.91
CA VAL A 291 18.44 4.97 -11.13
C VAL A 291 17.76 3.63 -10.88
N PRO A 292 16.73 3.30 -11.68
CA PRO A 292 16.15 1.96 -11.65
C PRO A 292 17.20 0.90 -11.95
N MET A 293 17.12 -0.20 -11.21
CA MET A 293 18.04 -1.31 -11.37
C MET A 293 17.22 -2.58 -11.53
N ALA A 294 17.58 -3.39 -12.52
CA ALA A 294 16.97 -4.71 -12.65
C ALA A 294 17.21 -5.48 -11.37
N PRO A 295 16.23 -6.28 -10.92
CA PRO A 295 16.47 -7.09 -9.73
C PRO A 295 17.72 -7.94 -9.92
N PRO A 296 18.54 -8.08 -8.86
CA PRO A 296 19.72 -8.93 -9.00
C PRO A 296 19.32 -10.39 -9.20
N ILE A 297 20.16 -11.14 -9.90
CA ILE A 297 19.96 -12.57 -10.04
C ILE A 297 20.07 -13.21 -8.65
N ASN A 298 18.98 -13.82 -8.19
CA ASN A 298 18.94 -14.38 -6.84
C ASN A 298 19.53 -15.79 -6.75
N SER A 299 19.40 -16.41 -5.58
CA SER A 299 19.99 -17.74 -5.34
C SER A 299 19.31 -18.83 -6.17
N LYS A 300 18.12 -18.53 -6.68
CA LYS A 300 17.39 -19.45 -7.57
C LYS A 300 17.64 -19.11 -9.04
N GLY A 301 18.58 -18.20 -9.29
CA GLY A 301 18.99 -17.85 -10.64
C GLY A 301 18.05 -16.95 -11.42
N GLN A 302 17.14 -16.28 -10.70
CA GLN A 302 16.11 -15.46 -11.33
C GLN A 302 16.10 -14.04 -10.79
N ARG A 303 15.57 -13.11 -11.58
CA ARG A 303 15.44 -11.71 -11.20
C ARG A 303 14.00 -11.41 -10.83
N TRP A 304 13.71 -11.38 -9.54
CA TRP A 304 12.34 -11.23 -9.05
C TRP A 304 11.97 -9.79 -8.72
N GLU A 305 10.87 -9.33 -9.31
CA GLU A 305 10.13 -8.21 -8.75
C GLU A 305 8.84 -8.78 -8.17
N GLU A 306 8.75 -8.80 -6.85
CA GLU A 306 7.64 -9.44 -6.16
C GLU A 306 6.37 -8.59 -6.14
N ASP A 307 6.55 -7.28 -6.25
CA ASP A 307 5.44 -6.33 -6.09
C ASP A 307 4.85 -5.89 -7.43
N ALA A 308 3.54 -5.63 -7.41
CA ALA A 308 2.83 -5.05 -8.54
C ALA A 308 1.59 -4.35 -8.00
N ARG A 309 1.02 -3.46 -8.81
CA ARG A 309 -0.24 -2.79 -8.49
CA ARG A 309 -0.22 -2.81 -8.42
C ARG A 309 -1.33 -3.83 -8.25
N GLN A 310 -2.12 -3.64 -7.20
CA GLN A 310 -3.20 -4.57 -6.88
C GLN A 310 -4.55 -3.90 -7.07
N ILE A 311 -5.35 -4.44 -7.97
CA ILE A 311 -6.64 -3.87 -8.33
C ILE A 311 -7.76 -4.86 -7.99
N PRO A 312 -8.55 -4.57 -6.94
CA PRO A 312 -8.47 -3.43 -6.02
C PRO A 312 -7.56 -3.71 -4.82
N ARG A 313 -7.28 -2.67 -4.04
CA ARG A 313 -6.57 -2.81 -2.77
C ARG A 313 -7.56 -3.08 -1.63
N PRO A 314 -7.10 -3.68 -0.52
CA PRO A 314 -7.98 -3.99 0.60
C PRO A 314 -8.32 -2.76 1.46
N ASP A 315 -8.53 -1.63 0.80
CA ASP A 315 -8.86 -0.36 1.44
C ASP A 315 -10.20 0.14 0.92
N GLY A 316 -10.85 1.01 1.67
CA GLY A 316 -12.08 1.67 1.18
C GLY A 316 -12.97 2.17 2.30
N TRP A 317 -14.26 2.34 2.00
CA TRP A 317 -15.23 2.72 3.03
C TRP A 317 -16.56 1.98 2.96
N ALA A 318 -17.26 1.99 4.09
CA ALA A 318 -18.49 1.23 4.28
C ALA A 318 -19.55 2.05 5.02
N ILE A 319 -20.80 1.62 4.87
CA ILE A 319 -21.94 2.25 5.56
C ILE A 319 -22.34 1.41 6.77
N THR A 320 -22.43 2.06 7.93
CA THR A 320 -22.78 1.36 9.16
C THR A 320 -24.29 1.15 9.31
N ALA A 321 -24.67 0.28 10.23
CA ALA A 321 -26.07 0.01 10.54
C ALA A 321 -26.78 1.21 11.19
N THR A 322 -25.98 2.10 11.80
CA THR A 322 -26.53 3.27 12.48
C THR A 322 -26.80 4.45 11.54
N ASN A 323 -26.26 4.38 10.33
CA ASN A 323 -26.46 5.41 9.30
C ASN A 323 -27.93 5.53 8.93
N LYS A 324 -28.52 6.69 9.21
CA LYS A 324 -29.94 6.94 8.99
C LYS A 324 -30.25 7.42 7.57
N ASN A 325 -29.21 7.67 6.79
CA ASN A 325 -29.36 8.11 5.41
C ASN A 325 -28.55 7.25 4.42
N PRO A 326 -28.86 5.94 4.32
CA PRO A 326 -28.07 5.05 3.45
C PRO A 326 -28.20 5.38 1.96
N VAL A 327 -29.36 5.89 1.54
CA VAL A 327 -29.58 6.24 0.14
C VAL A 327 -28.74 7.45 -0.28
N GLU A 328 -28.75 8.49 0.55
CA GLU A 328 -27.93 9.69 0.32
C GLU A 328 -26.43 9.35 0.38
N THR A 329 -26.08 8.43 1.26
CA THR A 329 -24.69 7.99 1.42
C THR A 329 -24.18 7.25 0.19
N ILE A 330 -24.97 6.31 -0.33
CA ILE A 330 -24.57 5.56 -1.53
C ILE A 330 -24.51 6.45 -2.77
N LYS A 331 -25.38 7.46 -2.82
CA LYS A 331 -25.36 8.44 -3.91
C LYS A 331 -24.11 9.32 -3.84
N LEU A 332 -23.70 9.70 -2.63
CA LEU A 332 -22.44 10.39 -2.41
C LEU A 332 -21.27 9.52 -2.87
N PHE A 333 -21.30 8.25 -2.45
CA PHE A 333 -20.30 7.27 -2.84
C PHE A 333 -20.21 7.14 -4.37
N ASP A 334 -21.37 7.17 -5.02
CA ASP A 334 -21.43 7.03 -6.48
C ASP A 334 -20.86 8.23 -7.23
N PHE A 335 -20.93 9.41 -6.62
CA PHE A 335 -20.38 10.63 -7.20
C PHE A 335 -18.89 10.46 -7.51
N TYR A 336 -18.19 9.75 -6.64
CA TYR A 336 -16.77 9.48 -6.81
C TYR A 336 -16.43 8.66 -8.04
N PHE A 337 -17.41 7.90 -8.54
CA PHE A 337 -17.20 7.05 -9.72
C PHE A 337 -17.73 7.66 -11.02
N GLY A 338 -18.23 8.89 -10.93
CA GLY A 338 -18.54 9.70 -12.11
C GLY A 338 -17.31 10.48 -12.55
N PRO A 339 -17.37 11.14 -13.71
CA PRO A 339 -16.18 11.83 -14.25
C PRO A 339 -15.60 12.91 -13.34
N LYS A 340 -16.44 13.84 -12.87
CA LYS A 340 -15.96 14.94 -12.02
C LYS A 340 -15.47 14.45 -10.65
N GLY A 341 -16.24 13.55 -10.04
CA GLY A 341 -15.89 12.99 -8.73
C GLY A 341 -14.57 12.24 -8.76
N ARG A 342 -14.35 11.49 -9.83
CA ARG A 342 -13.11 10.76 -10.01
C ARG A 342 -11.92 11.72 -10.18
N GLU A 343 -12.14 12.79 -10.95
CA GLU A 343 -11.12 13.80 -11.18
C GLU A 343 -10.68 14.48 -9.89
N LEU A 344 -11.64 14.85 -9.05
CA LEU A 344 -11.37 15.49 -7.76
C LEU A 344 -10.59 14.57 -6.82
N SER A 345 -11.05 13.32 -6.70
CA SER A 345 -10.44 12.34 -5.80
C SER A 345 -9.01 11.98 -6.22
N ASN A 346 -8.65 12.33 -7.45
CA ASN A 346 -7.31 12.08 -7.98
C ASN A 346 -6.41 13.31 -8.04
N PHE A 347 -6.95 14.41 -8.56
CA PHE A 347 -6.14 15.59 -8.90
C PHE A 347 -6.23 16.73 -7.89
N GLY A 348 -7.24 16.69 -7.02
CA GLY A 348 -7.44 17.77 -6.05
C GLY A 348 -8.62 18.67 -6.39
N VAL A 349 -8.36 19.96 -6.52
CA VAL A 349 -9.40 20.95 -6.80
C VAL A 349 -9.00 21.83 -7.99
N PRO A 350 -9.91 21.98 -8.99
CA PRO A 350 -9.61 22.80 -10.15
C PRO A 350 -9.45 24.27 -9.79
N GLY A 351 -8.41 24.90 -10.34
CA GLY A 351 -8.06 26.28 -9.98
C GLY A 351 -7.10 26.35 -8.79
N LEU A 352 -6.92 25.23 -8.09
CA LEU A 352 -6.02 25.16 -6.96
C LEU A 352 -4.77 24.34 -7.25
N THR A 353 -4.94 23.06 -7.54
CA THR A 353 -3.82 22.16 -7.83
C THR A 353 -3.70 21.85 -9.31
N TYR A 354 -4.82 21.94 -10.03
CA TYR A 354 -4.84 21.66 -11.46
C TYR A 354 -5.80 22.57 -12.21
N ASP A 355 -5.67 22.60 -13.53
CA ASP A 355 -6.57 23.34 -14.39
C ASP A 355 -7.03 22.47 -15.53
N ILE A 356 -8.26 22.68 -15.99
CA ILE A 356 -8.76 22.02 -17.19
C ILE A 356 -8.21 22.78 -18.40
N LYS A 357 -7.33 22.11 -19.14
CA LYS A 357 -6.72 22.66 -20.33
C LYS A 357 -6.99 21.71 -21.49
N ASN A 358 -7.69 22.22 -22.51
CA ASN A 358 -8.21 21.40 -23.61
C ASN A 358 -9.00 20.18 -23.11
N GLY A 359 -9.82 20.41 -22.08
CA GLY A 359 -10.69 19.39 -21.51
C GLY A 359 -10.00 18.37 -20.62
N LYS A 360 -8.68 18.48 -20.49
CA LYS A 360 -7.89 17.55 -19.69
C LYS A 360 -7.42 18.18 -18.38
N PRO A 361 -7.45 17.41 -17.27
CA PRO A 361 -6.88 17.91 -16.03
C PRO A 361 -5.35 17.99 -16.12
N VAL A 362 -4.82 19.18 -15.93
CA VAL A 362 -3.37 19.41 -16.01
C VAL A 362 -2.89 20.05 -14.72
N TYR A 363 -1.99 19.37 -14.01
CA TYR A 363 -1.39 19.91 -12.80
C TYR A 363 -0.67 21.21 -13.07
N LYS A 364 -0.78 22.14 -12.12
CA LYS A 364 -0.05 23.40 -12.17
C LYS A 364 1.45 23.16 -12.02
N ASP A 365 2.25 24.07 -12.58
CA ASP A 365 3.71 23.99 -12.48
C ASP A 365 4.18 24.02 -11.02
N THR A 366 3.47 24.77 -10.19
CA THR A 366 3.77 24.85 -8.75
C THR A 366 3.69 23.48 -8.05
N VAL A 367 2.80 22.63 -8.55
CA VAL A 367 2.65 21.26 -8.03
C VAL A 367 3.76 20.37 -8.59
N LEU A 368 3.99 20.46 -9.89
CA LEU A 368 4.94 19.58 -10.59
C LEU A 368 6.41 19.87 -10.26
N LYS A 369 6.73 21.14 -10.01
CA LYS A 369 8.10 21.54 -9.70
CA LYS A 369 8.10 21.56 -9.70
C LYS A 369 8.35 21.67 -8.19
N ALA A 370 7.36 21.27 -7.40
CA ALA A 370 7.45 21.31 -5.94
C ALA A 370 8.42 20.26 -5.39
N ALA A 371 8.87 20.47 -4.16
CA ALA A 371 9.80 19.57 -3.49
C ALA A 371 9.15 18.21 -3.16
N GLN A 372 7.89 18.26 -2.75
CA GLN A 372 7.12 17.06 -2.38
CA GLN A 372 7.14 17.06 -2.39
C GLN A 372 6.66 16.29 -3.62
N PRO A 373 6.73 14.94 -3.57
CA PRO A 373 6.09 14.15 -4.62
C PRO A 373 4.61 14.47 -4.69
N VAL A 374 4.01 14.37 -5.87
CA VAL A 374 2.64 14.82 -6.07
C VAL A 374 1.60 14.04 -5.25
N ASN A 375 1.82 12.73 -5.07
CA ASN A 375 0.91 11.96 -4.22
C ASN A 375 0.89 12.46 -2.77
N ASN A 376 2.07 12.79 -2.24
CA ASN A 376 2.17 13.45 -0.92
C ASN A 376 1.35 14.74 -0.87
N GLN A 377 1.46 15.54 -1.93
CA GLN A 377 0.71 16.80 -2.05
C GLN A 377 -0.78 16.56 -2.09
N MET A 378 -1.19 15.47 -2.74
CA MET A 378 -2.60 15.10 -2.82
C MET A 378 -3.16 14.71 -1.45
N TYR A 379 -2.39 13.93 -0.68
CA TYR A 379 -2.81 13.51 0.66
C TYR A 379 -3.15 14.72 1.53
N ASP A 380 -2.34 15.77 1.42
CA ASP A 380 -2.48 16.98 2.23
C ASP A 380 -3.80 17.70 2.02
N ILE A 381 -4.41 17.52 0.86
CA ILE A 381 -5.67 18.19 0.53
C ILE A 381 -6.86 17.23 0.37
N GLY A 382 -6.64 15.95 0.67
CA GLY A 382 -7.72 14.96 0.67
C GLY A 382 -7.94 14.20 -0.63
N ALA A 383 -6.91 14.17 -1.48
CA ALA A 383 -6.93 13.33 -2.67
C ALA A 383 -5.95 12.18 -2.51
N GLN A 384 -6.12 11.15 -3.35
CA GLN A 384 -5.32 9.91 -3.26
C GLN A 384 -5.38 9.28 -1.86
N ILE A 385 -6.55 9.38 -1.23
CA ILE A 385 -6.77 8.80 0.09
C ILE A 385 -7.57 7.49 -0.03
N PRO A 386 -7.35 6.54 0.90
CA PRO A 386 -7.94 5.20 0.79
C PRO A 386 -9.44 5.11 1.09
N ILE A 387 -10.21 5.96 0.42
CA ILE A 387 -11.66 5.86 0.40
C ILE A 387 -12.07 4.96 -0.77
N GLY A 388 -13.37 4.77 -0.95
CA GLY A 388 -13.89 4.13 -2.16
C GLY A 388 -13.76 5.08 -3.32
N PHE A 389 -12.72 4.90 -4.12
CA PHE A 389 -12.49 5.75 -5.30
C PHE A 389 -11.71 5.01 -6.37
N TRP A 390 -11.80 5.52 -7.60
CA TRP A 390 -11.12 4.91 -8.74
C TRP A 390 -9.95 5.78 -9.18
N GLN A 391 -8.75 5.30 -8.88
CA GLN A 391 -7.52 6.00 -9.25
C GLN A 391 -7.42 6.15 -10.77
N ASP A 392 -6.82 7.24 -11.20
CA ASP A 392 -6.62 7.54 -12.62
C ASP A 392 -5.13 7.71 -12.85
N TYR A 393 -4.52 6.78 -13.58
CA TYR A 393 -3.07 6.80 -13.82
C TYR A 393 -2.59 8.09 -14.49
N GLU A 394 -3.48 8.79 -15.19
CA GLU A 394 -3.15 10.08 -15.80
C GLU A 394 -2.63 11.07 -14.75
N TYR A 395 -3.12 10.97 -13.52
CA TYR A 395 -2.63 11.82 -12.42
C TYR A 395 -1.14 11.56 -12.17
N GLU A 396 -0.75 10.29 -12.29
CA GLU A 396 0.60 9.85 -11.97
C GLU A 396 1.56 10.10 -13.13
N ARG A 397 1.09 9.85 -14.35
CA ARG A 397 1.90 10.04 -15.55
CA ARG A 397 1.89 10.04 -15.56
C ARG A 397 2.51 11.43 -15.59
N GLN A 398 1.74 12.43 -15.15
CA GLN A 398 2.17 13.83 -15.19
C GLN A 398 3.40 14.16 -14.33
N TRP A 399 3.65 13.36 -13.29
CA TRP A 399 4.83 13.54 -12.45
C TRP A 399 5.76 12.32 -12.44
N THR A 400 5.61 11.49 -13.46
CA THR A 400 6.52 10.38 -13.71
C THR A 400 7.58 10.89 -14.68
N ASN A 401 8.78 11.17 -14.17
CA ASN A 401 9.85 11.71 -15.01
C ASN A 401 10.47 10.65 -15.92
N ASP A 402 11.39 11.08 -16.79
CA ASP A 402 11.99 10.18 -17.79
C ASP A 402 12.74 9.00 -17.15
N VAL A 403 13.44 9.26 -16.05
CA VAL A 403 14.12 8.21 -15.29
C VAL A 403 13.11 7.16 -14.81
N ALA A 404 12.00 7.62 -14.24
CA ALA A 404 10.93 6.74 -13.78
C ALA A 404 10.28 5.97 -14.93
N LEU A 405 9.93 6.69 -15.99
CA LEU A 405 9.28 6.10 -17.17
C LEU A 405 10.10 4.97 -17.80
N GLN A 406 11.41 5.20 -17.90
CA GLN A 406 12.31 4.23 -18.51
C GLN A 406 12.53 3.01 -17.61
N GLY A 407 12.46 3.23 -16.29
CA GLY A 407 12.50 2.13 -15.33
C GLY A 407 11.26 1.28 -15.39
N ILE A 408 10.09 1.93 -15.45
CA ILE A 408 8.81 1.27 -15.64
C ILE A 408 8.83 0.43 -16.91
N ASP A 409 9.27 1.04 -18.02
CA ASP A 409 9.37 0.35 -19.30
C ASP A 409 10.29 -0.86 -19.26
N MET A 410 11.42 -0.73 -18.56
CA MET A 410 12.37 -1.85 -18.42
CA MET A 410 12.37 -1.84 -18.39
C MET A 410 11.72 -3.02 -17.69
N TYR A 411 11.04 -2.74 -16.58
CA TYR A 411 10.38 -3.78 -15.78
C TYR A 411 9.26 -4.48 -16.54
N ILE A 412 8.46 -3.71 -17.27
CA ILE A 412 7.39 -4.25 -18.11
C ILE A 412 7.97 -5.13 -19.23
N LYS A 413 8.96 -4.59 -19.94
CA LYS A 413 9.58 -5.26 -21.08
C LYS A 413 10.25 -6.58 -20.69
N ASN A 414 10.99 -6.57 -19.58
CA ASN A 414 11.78 -7.73 -19.17
C ASN A 414 11.03 -8.70 -18.26
N LYS A 415 9.78 -8.37 -17.95
CA LYS A 415 8.87 -9.25 -17.22
C LYS A 415 9.38 -9.73 -15.85
N TYR A 416 9.94 -8.81 -15.06
CA TYR A 416 10.47 -9.15 -13.74
C TYR A 416 9.37 -9.47 -12.74
N VAL A 417 8.19 -8.87 -12.94
CA VAL A 417 7.09 -8.98 -11.98
C VAL A 417 6.55 -10.40 -11.92
N LEU A 418 6.58 -10.98 -10.72
CA LEU A 418 6.07 -12.33 -10.49
C LEU A 418 4.55 -12.33 -10.59
N PRO A 419 3.97 -13.46 -11.05
CA PRO A 419 2.51 -13.60 -11.03
C PRO A 419 1.97 -13.32 -9.63
N GLN A 420 0.93 -12.49 -9.55
CA GLN A 420 0.39 -12.04 -8.27
C GLN A 420 -0.75 -12.95 -7.80
N PHE A 421 -0.87 -13.08 -6.48
CA PHE A 421 -1.93 -13.87 -5.87
C PHE A 421 -3.22 -13.05 -5.83
N THR A 422 -4.26 -13.58 -6.48
CA THR A 422 -5.54 -12.89 -6.60
C THR A 422 -6.59 -13.37 -5.59
N GLY A 423 -6.15 -14.19 -4.63
CA GLY A 423 -7.02 -14.64 -3.54
C GLY A 423 -7.81 -15.89 -3.86
N VAL A 424 -8.34 -16.50 -2.80
CA VAL A 424 -9.25 -17.63 -2.92
C VAL A 424 -10.64 -17.26 -2.38
N ASN A 425 -11.67 -17.94 -2.87
CA ASN A 425 -13.04 -17.68 -2.45
C ASN A 425 -13.45 -18.56 -1.29
N LEU A 426 -13.38 -18.00 -0.08
CA LEU A 426 -13.73 -18.73 1.14
C LEU A 426 -15.24 -18.78 1.32
N THR A 427 -15.72 -19.85 1.97
CA THR A 427 -17.11 -19.93 2.42
C THR A 427 -17.22 -19.14 3.73
N VAL A 428 -18.45 -19.01 4.25
CA VAL A 428 -18.66 -18.24 5.48
C VAL A 428 -17.94 -18.85 6.69
N GLU A 429 -18.08 -20.16 6.87
CA GLU A 429 -17.45 -20.85 8.01
C GLU A 429 -15.92 -20.96 7.86
N GLU A 430 -15.44 -20.99 6.63
CA GLU A 430 -14.00 -20.92 6.35
C GLU A 430 -13.48 -19.54 6.72
N ARG A 431 -14.26 -18.51 6.42
CA ARG A 431 -13.90 -17.13 6.73
C ARG A 431 -13.90 -16.85 8.23
N GLU A 432 -14.77 -17.54 8.97
CA GLU A 432 -14.79 -17.41 10.43
C GLU A 432 -13.46 -17.84 11.05
N ILE A 433 -12.93 -18.96 10.59
CA ILE A 433 -11.62 -19.46 11.03
C ILE A 433 -10.53 -18.46 10.61
N TYR A 434 -10.61 -17.99 9.37
CA TYR A 434 -9.70 -16.98 8.85
C TYR A 434 -9.68 -15.71 9.71
N ASP A 435 -10.86 -15.14 9.95
CA ASP A 435 -10.98 -13.90 10.73
C ASP A 435 -10.63 -14.07 12.20
N LYS A 436 -10.81 -15.29 12.73
CA LYS A 436 -10.51 -15.59 14.13
C LYS A 436 -9.02 -15.62 14.42
N TYR A 437 -8.26 -16.33 13.58
CA TYR A 437 -6.85 -16.60 13.85
C TYR A 437 -5.87 -15.71 13.08
N TRP A 438 -6.19 -15.42 11.81
CA TRP A 438 -5.22 -14.82 10.90
C TRP A 438 -4.63 -13.44 11.29
N PRO A 439 -5.49 -12.48 11.71
CA PRO A 439 -4.94 -11.18 12.11
C PRO A 439 -3.87 -11.27 13.20
N ASP A 440 -4.11 -12.08 14.22
CA ASP A 440 -3.17 -12.25 15.33
C ASP A 440 -1.92 -13.05 14.94
N VAL A 441 -2.08 -13.99 14.03
CA VAL A 441 -0.95 -14.76 13.49
C VAL A 441 -0.03 -13.83 12.69
N LYS A 442 -0.64 -12.98 11.85
CA LYS A 442 0.10 -12.01 11.04
C LYS A 442 0.94 -11.06 11.91
N THR A 443 0.33 -10.59 13.00
CA THR A 443 1.03 -9.73 13.96
C THR A 443 2.21 -10.46 14.58
N TYR A 444 1.99 -11.71 15.00
CA TYR A 444 3.03 -12.55 15.56
C TYR A 444 4.18 -12.80 14.57
N MET A 445 3.82 -13.11 13.32
CA MET A 445 4.80 -13.32 12.25
C MET A 445 5.69 -12.10 12.02
N PHE A 446 5.09 -10.91 12.05
CA PHE A 446 5.82 -9.66 11.89
C PHE A 446 6.81 -9.47 13.04
N GLU A 447 6.33 -9.69 14.27
CA GLU A 447 7.16 -9.58 15.47
C GLU A 447 8.37 -10.52 15.42
N MET A 448 8.12 -11.77 15.03
CA MET A 448 9.18 -12.75 14.90
C MET A 448 10.17 -12.37 13.79
N GLY A 449 9.62 -11.91 12.66
CA GLY A 449 10.44 -11.43 11.55
C GLY A 449 11.37 -10.30 11.95
N GLN A 450 10.83 -9.33 12.68
CA GLN A 450 11.62 -8.21 13.18
C GLN A 450 12.72 -8.68 14.13
N SER A 451 12.36 -9.60 15.03
CA SER A 451 13.32 -10.17 15.97
C SER A 451 14.48 -10.89 15.26
N TRP A 452 14.14 -11.62 14.19
CA TRP A 452 15.15 -12.32 13.40
C TRP A 452 16.07 -11.36 12.65
N VAL A 453 15.49 -10.35 12.00
CA VAL A 453 16.27 -9.35 11.27
C VAL A 453 17.24 -8.61 12.20
N MET A 454 16.73 -8.21 13.37
CA MET A 454 17.51 -7.42 14.33
C MET A 454 18.47 -8.27 15.18
N GLY A 455 18.33 -9.58 15.10
CA GLY A 455 19.25 -10.50 15.77
C GLY A 455 18.93 -10.77 17.23
N THR A 456 17.78 -10.31 17.71
CA THR A 456 17.36 -10.57 19.08
C THR A 456 16.87 -12.00 19.25
N LYS A 457 16.47 -12.63 18.14
CA LYS A 457 16.12 -14.04 18.11
C LYS A 457 16.84 -14.72 16.94
N ASP A 458 17.36 -15.91 17.19
CA ASP A 458 18.04 -16.71 16.17
C ASP A 458 17.00 -17.54 15.40
N PRO A 459 16.84 -17.29 14.09
CA PRO A 459 15.82 -17.98 13.28
C PRO A 459 16.00 -19.50 13.25
N GLU A 460 17.23 -19.98 13.25
CA GLU A 460 17.50 -21.42 13.28
C GLU A 460 17.09 -22.03 14.62
N LYS A 461 17.50 -21.40 15.71
CA LYS A 461 17.23 -21.90 17.06
C LYS A 461 15.77 -21.80 17.47
N THR A 462 15.07 -20.78 16.97
CA THR A 462 13.69 -20.52 17.37
C THR A 462 12.63 -21.10 16.42
N TRP A 463 13.06 -21.67 15.30
CA TRP A 463 12.13 -22.15 14.27
C TRP A 463 11.12 -23.18 14.77
N ASN A 464 11.59 -24.13 15.59
CA ASN A 464 10.71 -25.15 16.15
C ASN A 464 9.65 -24.58 17.08
N ASP A 465 10.06 -23.65 17.95
CA ASP A 465 9.16 -22.94 18.84
C ASP A 465 8.18 -22.07 18.04
N TYR A 466 8.70 -21.41 17.01
CA TYR A 466 7.90 -20.58 16.11
C TYR A 466 6.81 -21.39 15.40
N GLN A 467 7.17 -22.56 14.89
CA GLN A 467 6.22 -23.45 14.22
C GLN A 467 5.14 -23.98 15.17
N GLN A 468 5.54 -24.29 16.40
CA GLN A 468 4.60 -24.71 17.44
C GLN A 468 3.64 -23.58 17.79
N GLN A 469 4.17 -22.36 17.88
CA GLN A 469 3.36 -21.18 18.17
C GLN A 469 2.37 -20.87 17.05
N LEU A 470 2.78 -21.06 15.80
CA LEU A 470 1.89 -20.90 14.65
C LEU A 470 0.68 -21.84 14.76
N LYS A 471 0.93 -23.10 15.12
CA LYS A 471 -0.13 -24.08 15.33
C LYS A 471 -1.04 -23.68 16.49
N ASN A 472 -0.44 -23.30 17.62
CA ASN A 472 -1.19 -22.87 18.80
C ASN A 472 -2.06 -21.63 18.56
N ARG A 473 -1.59 -20.76 17.67
CA ARG A 473 -2.31 -19.54 17.31
C ARG A 473 -3.30 -19.76 16.16
N GLY A 474 -3.39 -21.00 15.70
CA GLY A 474 -4.39 -21.40 14.71
C GLY A 474 -4.03 -21.19 13.25
N PHE A 475 -2.74 -20.96 12.98
CA PHE A 475 -2.27 -20.71 11.61
C PHE A 475 -2.53 -21.88 10.67
N TYR A 476 -2.34 -23.09 11.15
CA TYR A 476 -2.52 -24.26 10.29
C TYR A 476 -3.98 -24.66 10.09
N GLN A 477 -4.86 -24.19 10.97
CA GLN A 477 -6.30 -24.24 10.74
C GLN A 477 -6.66 -23.31 9.58
N VAL A 478 -6.02 -22.13 9.55
CA VAL A 478 -6.20 -21.18 8.46
C VAL A 478 -5.66 -21.75 7.15
N MET A 479 -4.51 -22.42 7.22
CA MET A 479 -3.90 -23.03 6.03
C MET A 479 -4.76 -24.13 5.42
N ILE A 480 -5.41 -24.92 6.27
CA ILE A 480 -6.31 -25.99 5.81
C ILE A 480 -7.48 -25.41 5.01
N VAL A 481 -8.12 -24.36 5.54
CA VAL A 481 -9.24 -23.73 4.83
C VAL A 481 -8.83 -22.98 3.56
N MET A 482 -7.62 -22.43 3.56
CA MET A 482 -7.07 -21.76 2.38
C MET A 482 -6.86 -22.74 1.23
N GLN A 483 -6.30 -23.91 1.53
CA GLN A 483 -6.08 -24.95 0.53
C GLN A 483 -7.39 -25.56 0.05
N LYS A 484 -8.32 -25.76 0.99
CA LYS A 484 -9.66 -26.28 0.69
CA LYS A 484 -9.65 -26.30 0.67
C LYS A 484 -10.40 -25.38 -0.29
N ALA A 485 -10.31 -24.07 -0.06
CA ALA A 485 -10.94 -23.08 -0.92
C ALA A 485 -10.27 -23.05 -2.30
N TYR A 486 -8.94 -23.20 -2.32
CA TYR A 486 -8.18 -23.25 -3.58
C TYR A 486 -8.57 -24.47 -4.41
N ASP A 487 -8.61 -25.64 -3.76
CA ASP A 487 -8.95 -26.90 -4.43
C ASP A 487 -10.37 -26.90 -4.99
N ARG A 488 -11.28 -26.23 -4.28
CA ARG A 488 -12.67 -26.09 -4.71
C ARG A 488 -12.77 -25.22 -5.98
N GLN A 489 -12.03 -24.13 -6.01
CA GLN A 489 -12.04 -23.19 -7.13
C GLN A 489 -11.28 -23.72 -8.34
N TYR A 490 -10.08 -24.24 -8.10
CA TYR A 490 -9.20 -24.71 -9.17
C TYR A 490 -9.10 -26.24 -9.19
C1 LGU B . 2.28 1.39 2.72
C2 LGU B . 1.07 1.05 1.80
O2 LGU B . 0.56 -0.27 2.04
C3 LGU B . -0.08 2.08 1.86
O3 LGU B . -1.11 1.69 2.79
C4 LGU B . 0.45 3.47 2.17
O4 LGU B . 1.42 3.88 1.20
C5 LGU B . 1.08 3.49 3.58
O5 LGU B . 2.05 2.40 3.75
C6 LGU B . 1.75 4.84 3.86
O6B LGU B . 1.17 5.87 3.45
O6A LGU B . 2.82 4.82 4.51
O1 LGU B . 2.76 0.20 3.39
C1 LGU B . 1.07 4.88 0.23
C2 LGU B . 2.32 5.28 -0.57
O2 LGU B . 3.41 5.56 0.32
C3 LGU B . 2.71 4.18 -1.58
O3 LGU B . 3.21 3.00 -0.90
C4 LGU B . 1.49 3.80 -2.44
O4 LGU B . 1.08 4.93 -3.23
C5 LGU B . 0.34 3.39 -1.54
O5 LGU B . -0.01 4.48 -0.65
C6 LGU B . -0.87 3.02 -2.40
O6B LGU B . -0.88 1.86 -2.88
O6A LGU B . -1.75 3.89 -2.56
C1 MAW B . 1.54 4.94 -4.58
C2 MAW B . 0.49 5.64 -5.40
O2 MAW B . 0.25 6.96 -4.88
C3 MAW B . 1.01 5.72 -6.84
O3 MAW B . 0.14 6.61 -7.57
C4 MAW B . 2.34 6.18 -6.88
C5 MAW B . 3.15 6.19 -5.74
O5 MAW B . 2.70 5.80 -4.51
C6 MAW B . 4.48 6.65 -5.74
O6A MAW B . 5.11 6.66 -4.67
O6B MAW B . 5.04 7.01 -6.80
CA CA C . 30.69 9.52 4.29
#